data_6ZEC
#
_entry.id   6ZEC
#
_cell.length_a   91.330
_cell.length_b   60.790
_cell.length_c   84.170
_cell.angle_alpha   90.00
_cell.angle_beta   90.00
_cell.angle_gamma   90.00
#
_symmetry.space_group_name_H-M   'P 21 21 2'
#
loop_
_entity.id
_entity.type
_entity.pdbx_description
1 polymer 'Fab fragment light chain'
2 polymer 'Fab fragment heavy chain'
3 branched 2-acetamido-2-deoxy-beta-D-glucopyranose-(1-4)-2-acetamido-2-deoxy-beta-D-glucopyranose
4 non-polymer GLYCEROL
5 non-polymer 'MAGNESIUM ION'
6 water water
#
loop_
_entity_poly.entity_id
_entity_poly.type
_entity_poly.pdbx_seq_one_letter_code
_entity_poly.pdbx_strand_id
1 'polypeptide(L)'
;DIVMTQSPDSLSVSLGERATINCKSSQSVLYSSHNKNYLAWYQQKPGQPPRLLIYWASTRESGVPDRFSGSGSGTDFTLT
INTLQAEDVAVYYCQQYYTTPYTFGQGTKLEIKRTVAAPSVFIFPPSDEQLKSGTASVVCLLNNFYPREAKVQWKVDNAL
QSGNSQESVTEQDSKDSTYSLSSTLTLSKADYEKHKVYACEVTHQGLSSPVTKSFNRGEC
;
L
2 'polypeptide(L)'
;ETGQVQLQQWGAGLLKTSETLSLTCAVYGGSFNNYNWTWIRQPPGKGLEWIGQINHSGTTNYNPSLKSRVTMSIDPSENQ
FSLKVRSVTAADTAIYYCVRGSPESSGNYWGHFQYWGQGTLATVSSASTKGPSVFPLAPSSKSTSGGTAALGCLVKDYFP
EPVTVSWNSGALTSGVHTFPAVLQSSGLYSLSSVVTVPSSSLGTQTYICNVNHKPSNTKVDKKVEPKSCGTKHHHHHH
;
H
#
# COMPACT_ATOMS: atom_id res chain seq x y z
N ASP A 1 19.80 -21.71 -2.95
CA ASP A 1 18.48 -21.24 -3.45
C ASP A 1 18.64 -20.72 -4.87
N ILE A 2 17.56 -20.74 -5.64
CA ILE A 2 17.54 -20.05 -6.96
C ILE A 2 17.31 -18.56 -6.69
N VAL A 3 18.31 -17.76 -7.01
CA VAL A 3 18.24 -16.28 -6.89
C VAL A 3 17.56 -15.72 -8.13
N MET A 4 16.55 -14.87 -7.95
CA MET A 4 15.78 -14.21 -9.02
C MET A 4 16.16 -12.72 -8.98
N THR A 5 16.68 -12.21 -10.08
CA THR A 5 17.12 -10.78 -10.20
C THR A 5 16.35 -10.10 -11.32
N GLN A 6 15.67 -9.00 -10.99
CA GLN A 6 14.94 -8.20 -11.99
C GLN A 6 15.78 -7.00 -12.41
N SER A 7 15.53 -6.54 -13.64
N SER A 7 15.49 -6.49 -13.60
CA SER A 7 16.13 -5.31 -14.21
CA SER A 7 16.12 -5.28 -14.17
C SER A 7 15.08 -4.63 -15.10
C SER A 7 15.12 -4.62 -15.11
N PRO A 8 14.87 -3.30 -14.99
CA PRO A 8 15.47 -2.47 -13.95
C PRO A 8 14.72 -2.57 -12.63
N ASP A 9 15.12 -1.81 -11.61
CA ASP A 9 14.42 -1.73 -10.30
C ASP A 9 13.17 -0.87 -10.46
N SER A 10 13.19 0.10 -11.37
CA SER A 10 12.05 1.02 -11.59
C SER A 10 12.11 1.54 -13.01
N LEU A 11 10.95 1.84 -13.59
CA LEU A 11 10.92 2.49 -14.92
C LEU A 11 9.66 3.32 -15.05
N SER A 12 9.74 4.29 -15.95
N SER A 12 9.76 4.34 -15.89
CA SER A 12 8.70 5.31 -16.22
CA SER A 12 8.69 5.31 -16.21
C SER A 12 8.42 5.32 -17.73
C SER A 12 8.46 5.19 -17.71
N VAL A 13 7.22 4.90 -18.11
CA VAL A 13 6.87 4.62 -19.53
C VAL A 13 5.59 5.38 -19.85
N SER A 14 5.57 6.06 -20.99
CA SER A 14 4.41 6.84 -21.47
C SER A 14 3.20 5.93 -21.71
N LEU A 15 2.00 6.45 -21.42
CA LEU A 15 0.71 5.88 -21.87
C LEU A 15 0.82 5.50 -23.34
N GLY A 16 0.38 4.28 -23.69
CA GLY A 16 0.35 3.78 -25.08
C GLY A 16 1.66 3.17 -25.54
N GLU A 17 2.74 3.29 -24.77
CA GLU A 17 4.07 2.77 -25.19
C GLU A 17 4.33 1.41 -24.52
N ARG A 18 5.52 0.88 -24.77
CA ARG A 18 5.93 -0.49 -24.39
C ARG A 18 6.83 -0.44 -23.14
N ALA A 19 6.48 -1.21 -22.11
CA ALA A 19 7.32 -1.46 -20.92
C ALA A 19 7.95 -2.84 -21.05
N THR A 20 9.25 -2.93 -20.76
CA THR A 20 10.02 -4.19 -20.77
C THR A 20 10.64 -4.39 -19.39
N ILE A 21 10.38 -5.55 -18.77
CA ILE A 21 10.97 -5.92 -17.46
C ILE A 21 11.63 -7.28 -17.61
N ASN A 22 12.90 -7.34 -17.22
CA ASN A 22 13.74 -8.56 -17.35
C ASN A 22 13.84 -9.23 -15.98
N CYS A 23 14.02 -10.54 -16.02
CA CYS A 23 14.13 -11.43 -14.85
C CYS A 23 15.14 -12.50 -15.18
N LYS A 24 16.15 -12.67 -14.32
CA LYS A 24 17.15 -13.75 -14.45
C LYS A 24 17.06 -14.68 -13.26
N SER A 25 17.06 -15.99 -13.48
CA SER A 25 17.17 -17.02 -12.42
C SER A 25 18.63 -17.49 -12.41
N SER A 26 19.18 -17.75 -11.22
CA SER A 26 20.61 -18.13 -11.02
C SER A 26 20.87 -19.56 -11.55
N GLN A 27 19.79 -20.34 -11.73
CA GLN A 27 19.76 -21.70 -12.33
C GLN A 27 18.59 -21.77 -13.30
N SER A 28 18.67 -22.67 -14.26
CA SER A 28 17.59 -22.92 -15.24
C SER A 28 16.35 -23.38 -14.48
N VAL A 29 15.19 -22.86 -14.87
CA VAL A 29 13.87 -23.31 -14.34
C VAL A 29 13.11 -24.00 -15.47
N LEU A 30 13.80 -24.44 -16.51
CA LEU A 30 13.20 -25.26 -17.59
C LEU A 30 13.08 -26.71 -17.08
N TYR A 31 11.86 -27.18 -16.85
CA TYR A 31 11.57 -28.60 -16.56
C TYR A 31 11.60 -29.35 -17.90
N SER A 32 12.77 -29.90 -18.26
CA SER A 32 13.06 -30.45 -19.62
C SER A 32 12.01 -31.48 -20.02
N SER A 33 11.58 -32.37 -19.10
CA SER A 33 10.56 -33.42 -19.31
C SER A 33 9.35 -32.83 -20.03
N HIS A 34 8.81 -31.71 -19.52
CA HIS A 34 7.54 -31.08 -19.98
C HIS A 34 7.83 -29.94 -20.96
N ASN A 35 9.09 -29.53 -21.07
CA ASN A 35 9.52 -28.35 -21.86
C ASN A 35 8.67 -27.15 -21.39
N LYS A 36 8.50 -27.03 -20.07
CA LYS A 36 7.88 -25.84 -19.42
C LYS A 36 8.89 -25.18 -18.50
N ASN A 37 8.97 -23.86 -18.56
CA ASN A 37 9.69 -22.99 -17.58
C ASN A 37 8.74 -22.70 -16.41
N TYR A 38 9.14 -23.08 -15.20
CA TYR A 38 8.32 -22.91 -13.97
C TYR A 38 8.58 -21.50 -13.48
N LEU A 39 8.07 -20.54 -14.24
CA LEU A 39 8.34 -19.09 -14.04
C LEU A 39 7.00 -18.35 -14.10
N ALA A 40 6.70 -17.57 -13.07
CA ALA A 40 5.44 -16.81 -12.98
C ALA A 40 5.76 -15.31 -12.95
N TRP A 41 4.83 -14.51 -13.46
CA TRP A 41 4.89 -13.03 -13.30
C TRP A 41 3.65 -12.57 -12.52
N TYR A 42 3.86 -11.61 -11.63
CA TYR A 42 2.78 -11.02 -10.81
C TYR A 42 2.78 -9.50 -10.94
N GLN A 43 1.59 -8.92 -10.79
CA GLN A 43 1.34 -7.46 -10.75
C GLN A 43 0.83 -7.13 -9.35
N GLN A 44 1.48 -6.24 -8.60
CA GLN A 44 0.97 -5.89 -7.25
C GLN A 44 0.68 -4.39 -7.18
N LYS A 45 -0.56 -4.07 -6.88
CA LYS A 45 -1.01 -2.69 -6.59
C LYS A 45 -0.95 -2.45 -5.09
N PRO A 46 -0.80 -1.18 -4.67
CA PRO A 46 -0.73 -0.84 -3.25
C PRO A 46 -1.94 -1.36 -2.46
N GLY A 47 -1.70 -1.98 -1.30
CA GLY A 47 -2.74 -2.51 -0.40
C GLY A 47 -3.46 -3.73 -0.98
N GLN A 48 -2.88 -4.38 -1.99
CA GLN A 48 -3.48 -5.59 -2.59
C GLN A 48 -2.43 -6.69 -2.57
N PRO A 49 -2.84 -7.97 -2.52
CA PRO A 49 -1.92 -9.04 -2.77
C PRO A 49 -1.51 -9.04 -4.23
N PRO A 50 -0.39 -9.71 -4.56
CA PRO A 50 0.01 -9.85 -5.95
C PRO A 50 -1.09 -10.55 -6.75
N ARG A 51 -1.27 -10.13 -8.01
CA ARG A 51 -2.18 -10.73 -9.01
C ARG A 51 -1.32 -11.52 -9.97
N LEU A 52 -1.60 -12.80 -10.12
CA LEU A 52 -0.86 -13.63 -11.10
C LEU A 52 -1.20 -13.16 -12.52
N LEU A 53 -0.19 -12.89 -13.35
CA LEU A 53 -0.39 -12.49 -14.76
C LEU A 53 -0.13 -13.68 -15.65
N ILE A 54 0.97 -14.37 -15.39
CA ILE A 54 1.56 -15.33 -16.36
C ILE A 54 2.16 -16.50 -15.58
N TYR A 55 1.90 -17.71 -16.06
CA TYR A 55 2.56 -18.96 -15.59
C TYR A 55 3.26 -19.59 -16.80
N TRP A 56 4.13 -20.57 -16.54
CA TRP A 56 4.91 -21.24 -17.61
C TRP A 56 5.64 -20.21 -18.48
N ALA A 57 6.09 -19.11 -17.86
CA ALA A 57 6.85 -18.01 -18.52
C ALA A 57 6.03 -17.22 -19.55
N SER A 58 5.07 -17.80 -20.27
CA SER A 58 4.40 -17.08 -21.38
C SER A 58 2.89 -17.37 -21.48
N THR A 59 2.31 -18.11 -20.55
CA THR A 59 0.86 -18.37 -20.59
C THR A 59 0.15 -17.38 -19.65
N ARG A 60 -0.69 -16.54 -20.22
CA ARG A 60 -1.48 -15.58 -19.43
C ARG A 60 -2.52 -16.34 -18.60
N GLU A 61 -2.65 -15.94 -17.34
CA GLU A 61 -3.74 -16.36 -16.43
C GLU A 61 -5.06 -15.77 -16.95
N SER A 62 -6.16 -16.36 -16.52
CA SER A 62 -7.52 -15.84 -16.76
C SER A 62 -7.60 -14.37 -16.38
N GLY A 63 -8.26 -13.58 -17.23
CA GLY A 63 -8.57 -12.17 -16.93
C GLY A 63 -7.44 -11.25 -17.30
N VAL A 64 -6.37 -11.75 -17.90
CA VAL A 64 -5.17 -10.95 -18.28
C VAL A 64 -5.21 -10.69 -19.78
N PRO A 65 -5.24 -9.42 -20.22
CA PRO A 65 -5.28 -9.12 -21.64
C PRO A 65 -3.92 -9.36 -22.31
N ASP A 66 -3.94 -9.53 -23.63
CA ASP A 66 -2.77 -9.97 -24.42
C ASP A 66 -1.74 -8.83 -24.57
N ARG A 67 -2.00 -7.65 -24.03
CA ARG A 67 -0.99 -6.56 -23.89
C ARG A 67 0.16 -7.05 -23.00
N PHE A 68 -0.10 -7.99 -22.08
CA PHE A 68 0.91 -8.57 -21.18
C PHE A 68 1.47 -9.81 -21.88
N SER A 69 2.77 -9.81 -22.20
CA SER A 69 3.43 -10.91 -22.95
C SER A 69 4.65 -11.37 -22.17
N GLY A 70 4.75 -12.65 -21.89
CA GLY A 70 5.92 -13.23 -21.22
C GLY A 70 6.76 -13.94 -22.25
N SER A 71 8.09 -13.83 -22.15
CA SER A 71 9.01 -14.50 -23.09
C SER A 71 10.26 -14.99 -22.35
N GLY A 72 11.03 -15.82 -23.03
CA GLY A 72 12.29 -16.36 -22.53
C GLY A 72 12.20 -17.81 -22.13
N SER A 73 13.35 -18.36 -21.79
CA SER A 73 13.53 -19.78 -21.43
C SER A 73 14.78 -19.92 -20.59
N GLY A 74 14.85 -20.97 -19.78
CA GLY A 74 16.07 -21.31 -19.02
C GLY A 74 16.26 -20.36 -17.87
N THR A 75 17.09 -19.32 -18.05
CA THR A 75 17.50 -18.38 -16.99
C THR A 75 17.07 -16.95 -17.28
N ASP A 76 16.63 -16.62 -18.50
N ASP A 76 16.71 -16.61 -18.52
CA ASP A 76 16.43 -15.21 -18.96
CA ASP A 76 16.41 -15.20 -18.89
C ASP A 76 14.99 -15.01 -19.44
C ASP A 76 14.95 -15.12 -19.34
N PHE A 77 14.22 -14.22 -18.69
CA PHE A 77 12.77 -14.04 -18.92
C PHE A 77 12.48 -12.55 -19.04
N THR A 78 11.43 -12.24 -19.80
CA THR A 78 11.01 -10.84 -20.05
C THR A 78 9.49 -10.77 -19.96
N LEU A 79 9.02 -9.79 -19.20
CA LEU A 79 7.61 -9.33 -19.26
C LEU A 79 7.55 -8.08 -20.14
N THR A 80 6.78 -8.15 -21.22
CA THR A 80 6.49 -6.99 -22.09
C THR A 80 5.06 -6.55 -21.84
N ILE A 81 4.88 -5.27 -21.53
CA ILE A 81 3.52 -4.66 -21.47
C ILE A 81 3.39 -3.68 -22.63
N ASN A 82 2.57 -4.02 -23.62
CA ASN A 82 2.33 -3.18 -24.81
C ASN A 82 1.16 -2.24 -24.52
N THR A 83 1.08 -1.14 -25.27
N THR A 83 1.09 -1.15 -25.28
CA THR A 83 -0.04 -0.17 -25.21
CA THR A 83 0.00 -0.14 -25.22
C THR A 83 -0.37 0.15 -23.75
C THR A 83 -0.35 0.13 -23.76
N LEU A 84 0.63 0.61 -22.99
CA LEU A 84 0.52 0.80 -21.52
C LEU A 84 -0.74 1.61 -21.19
N GLN A 85 -1.51 1.12 -20.22
CA GLN A 85 -2.76 1.76 -19.72
C GLN A 85 -2.49 2.32 -18.32
N ALA A 86 -3.26 3.33 -17.92
CA ALA A 86 -3.16 3.99 -16.60
C ALA A 86 -3.21 2.94 -15.50
N GLU A 87 -4.06 1.93 -15.66
CA GLU A 87 -4.29 0.93 -14.59
C GLU A 87 -3.13 -0.06 -14.48
N ASP A 88 -2.09 0.04 -15.33
CA ASP A 88 -0.92 -0.85 -15.27
C ASP A 88 0.10 -0.39 -14.22
N VAL A 89 -0.12 0.74 -13.55
CA VAL A 89 0.83 1.24 -12.51
C VAL A 89 0.84 0.20 -11.38
N ALA A 90 2.00 -0.31 -11.05
CA ALA A 90 2.13 -1.44 -10.11
C ALA A 90 3.61 -1.78 -9.93
N VAL A 91 3.89 -2.66 -8.99
CA VAL A 91 5.19 -3.36 -8.89
C VAL A 91 4.99 -4.74 -9.52
N TYR A 92 5.91 -5.13 -10.39
CA TYR A 92 5.87 -6.42 -11.09
C TYR A 92 6.96 -7.32 -10.50
N TYR A 93 6.61 -8.57 -10.25
CA TYR A 93 7.54 -9.59 -9.69
C TYR A 93 7.61 -10.79 -10.61
N CYS A 94 8.81 -11.32 -10.83
CA CYS A 94 8.93 -12.70 -11.34
C CYS A 94 9.11 -13.64 -10.15
N GLN A 95 8.89 -14.92 -10.40
CA GLN A 95 8.98 -15.96 -9.36
C GLN A 95 9.26 -17.30 -10.01
N GLN A 96 10.14 -18.09 -9.42
CA GLN A 96 10.37 -19.50 -9.85
C GLN A 96 9.57 -20.42 -8.93
N TYR A 97 8.92 -21.43 -9.54
CA TYR A 97 8.27 -22.52 -8.79
C TYR A 97 8.84 -23.86 -9.25
N TYR A 98 10.10 -23.80 -9.65
CA TYR A 98 10.90 -24.96 -10.12
C TYR A 98 11.26 -25.85 -8.93
N THR A 99 11.75 -25.25 -7.85
CA THR A 99 12.17 -26.00 -6.65
C THR A 99 12.03 -25.14 -5.40
N THR A 100 11.81 -25.80 -4.26
CA THR A 100 11.73 -25.16 -2.93
C THR A 100 13.14 -24.80 -2.48
N PRO A 101 13.31 -23.72 -1.72
CA PRO A 101 12.22 -22.78 -1.45
C PRO A 101 11.92 -21.94 -2.69
N TYR A 102 10.63 -21.64 -2.92
CA TYR A 102 10.19 -20.76 -4.03
C TYR A 102 10.69 -19.35 -3.74
N THR A 103 11.13 -18.66 -4.79
CA THR A 103 11.82 -17.36 -4.66
C THR A 103 11.27 -16.39 -5.71
N PHE A 104 11.18 -15.13 -5.29
CA PHE A 104 10.65 -13.99 -6.05
C PHE A 104 11.82 -13.08 -6.41
N GLY A 105 11.72 -12.43 -7.57
CA GLY A 105 12.50 -11.24 -7.90
C GLY A 105 12.27 -10.13 -6.90
N GLN A 106 13.12 -9.11 -6.92
CA GLN A 106 13.06 -8.01 -5.93
C GLN A 106 11.92 -7.04 -6.25
N GLY A 107 11.31 -7.17 -7.43
CA GLY A 107 10.24 -6.29 -7.88
C GLY A 107 10.78 -5.17 -8.76
N THR A 108 9.98 -4.77 -9.74
CA THR A 108 10.23 -3.60 -10.62
C THR A 108 9.02 -2.67 -10.54
N LYS A 109 9.24 -1.43 -10.12
CA LYS A 109 8.15 -0.45 -9.97
C LYS A 109 7.93 0.25 -11.33
N LEU A 110 6.72 0.16 -11.86
CA LEU A 110 6.37 0.81 -13.14
C LEU A 110 5.56 2.06 -12.83
N GLU A 111 6.09 3.23 -13.20
CA GLU A 111 5.39 4.54 -13.22
C GLU A 111 4.91 4.82 -14.65
N ILE A 112 3.72 5.41 -14.76
CA ILE A 112 3.10 5.87 -16.03
C ILE A 112 3.55 7.31 -16.25
N LYS A 113 4.14 7.62 -17.40
CA LYS A 113 4.43 9.02 -17.81
C LYS A 113 3.18 9.55 -18.54
N ARG A 114 2.63 10.66 -18.08
CA ARG A 114 1.46 11.32 -18.70
C ARG A 114 1.81 12.79 -18.93
N THR A 115 0.88 13.57 -19.45
CA THR A 115 1.09 15.01 -19.66
C THR A 115 1.23 15.70 -18.30
N VAL A 116 1.91 16.83 -18.31
CA VAL A 116 2.09 17.62 -17.07
C VAL A 116 0.69 18.06 -16.62
N ALA A 117 0.43 17.98 -15.30
CA ALA A 117 -0.83 18.41 -14.66
C ALA A 117 -0.49 19.21 -13.39
N ALA A 118 -0.97 20.45 -13.33
CA ALA A 118 -0.71 21.34 -12.19
C ALA A 118 -1.54 20.86 -11.01
N PRO A 119 -0.99 20.96 -9.79
CA PRO A 119 -1.73 20.63 -8.59
C PRO A 119 -2.74 21.74 -8.28
N SER A 120 -3.92 21.41 -7.79
CA SER A 120 -4.77 22.38 -7.05
C SER A 120 -4.28 22.35 -5.60
N VAL A 121 -4.19 23.51 -4.98
CA VAL A 121 -3.54 23.69 -3.66
C VAL A 121 -4.57 24.22 -2.69
N PHE A 122 -4.60 23.63 -1.50
CA PHE A 122 -5.54 23.99 -0.42
C PHE A 122 -4.74 24.04 0.89
N ILE A 123 -5.11 24.95 1.76
CA ILE A 123 -4.47 25.04 3.09
C ILE A 123 -5.60 24.92 4.10
N PHE A 124 -5.35 24.16 5.17
CA PHE A 124 -6.28 23.93 6.27
C PHE A 124 -5.66 24.41 7.59
N PRO A 125 -6.29 25.36 8.30
CA PRO A 125 -5.85 25.69 9.63
C PRO A 125 -6.10 24.51 10.58
N PRO A 126 -5.44 24.51 11.76
CA PRO A 126 -5.77 23.54 12.80
C PRO A 126 -7.23 23.71 13.25
N SER A 127 -7.86 22.60 13.61
CA SER A 127 -9.22 22.54 14.19
C SER A 127 -9.20 23.14 15.62
N ASP A 128 -10.30 23.77 16.03
CA ASP A 128 -10.45 24.21 17.45
C ASP A 128 -10.23 23.00 18.37
N GLU A 129 -10.80 21.83 18.03
N GLU A 129 -10.79 21.84 17.98
CA GLU A 129 -10.68 20.60 18.86
CA GLU A 129 -10.72 20.55 18.72
C GLU A 129 -9.20 20.31 19.12
C GLU A 129 -9.28 20.17 19.05
N GLN A 130 -8.35 20.31 18.09
CA GLN A 130 -6.92 19.98 18.27
C GLN A 130 -6.24 21.02 19.16
N LEU A 131 -6.57 22.30 18.98
CA LEU A 131 -5.90 23.39 19.72
C LEU A 131 -6.08 23.16 21.22
N LYS A 132 -7.26 22.71 21.66
CA LYS A 132 -7.56 22.33 23.07
C LYS A 132 -6.51 21.35 23.60
N SER A 133 -5.97 20.49 22.73
CA SER A 133 -5.07 19.38 23.10
C SER A 133 -3.61 19.85 23.17
N GLY A 134 -3.32 21.10 22.80
CA GLY A 134 -1.99 21.71 22.97
C GLY A 134 -1.11 21.65 21.71
N THR A 135 -1.60 21.01 20.64
CA THR A 135 -0.86 20.96 19.34
C THR A 135 -1.69 21.62 18.23
N ALA A 136 -0.99 22.11 17.21
CA ALA A 136 -1.60 22.71 16.00
C ALA A 136 -0.96 22.08 14.77
N SER A 137 -1.76 21.36 13.99
CA SER A 137 -1.33 20.79 12.68
C SER A 137 -1.93 21.66 11.58
N VAL A 138 -1.10 22.22 10.72
CA VAL A 138 -1.54 23.02 9.54
C VAL A 138 -1.27 22.13 8.34
N VAL A 139 -2.26 21.92 7.49
CA VAL A 139 -2.15 20.95 6.37
C VAL A 139 -2.19 21.71 5.05
N CYS A 140 -1.27 21.39 4.16
CA CYS A 140 -1.26 21.92 2.78
C CYS A 140 -1.45 20.72 1.84
N LEU A 141 -2.52 20.76 1.03
CA LEU A 141 -2.86 19.68 0.07
C LEU A 141 -2.51 20.12 -1.34
N LEU A 142 -1.76 19.28 -2.06
CA LEU A 142 -1.51 19.38 -3.50
C LEU A 142 -2.28 18.25 -4.15
N ASN A 143 -3.28 18.57 -4.96
CA ASN A 143 -4.25 17.57 -5.47
C ASN A 143 -4.01 17.33 -6.97
N ASN A 144 -3.74 16.07 -7.32
N ASN A 144 -3.69 16.08 -7.34
CA ASN A 144 -3.79 15.50 -8.70
CA ASN A 144 -3.83 15.52 -8.70
C ASN A 144 -2.83 16.25 -9.63
C ASN A 144 -2.84 16.16 -9.68
N PHE A 145 -1.54 16.03 -9.40
CA PHE A 145 -0.46 16.63 -10.21
C PHE A 145 0.42 15.56 -10.84
N TYR A 146 1.14 15.99 -11.88
CA TYR A 146 2.17 15.17 -12.56
C TYR A 146 3.16 16.13 -13.18
N PRO A 147 4.50 15.94 -13.07
CA PRO A 147 5.10 14.78 -12.42
C PRO A 147 5.15 14.81 -10.89
N ARG A 148 5.76 13.80 -10.29
CA ARG A 148 5.78 13.60 -8.82
CA ARG A 148 5.77 13.60 -8.81
C ARG A 148 6.55 14.72 -8.13
N GLU A 149 7.59 15.24 -8.77
CA GLU A 149 8.54 16.21 -8.15
C GLU A 149 7.78 17.51 -7.83
N ALA A 150 7.76 17.89 -6.57
CA ALA A 150 7.09 19.12 -6.09
C ALA A 150 7.86 19.64 -4.87
N LYS A 151 7.92 20.96 -4.74
CA LYS A 151 8.56 21.64 -3.60
C LYS A 151 7.47 22.39 -2.82
N VAL A 152 7.33 22.08 -1.55
CA VAL A 152 6.39 22.78 -0.64
C VAL A 152 7.22 23.51 0.41
N GLN A 153 7.03 24.81 0.52
CA GLN A 153 7.73 25.67 1.51
C GLN A 153 6.67 26.29 2.41
N TRP A 154 6.82 26.11 3.71
CA TRP A 154 5.98 26.74 4.75
C TRP A 154 6.59 28.09 5.12
N LYS A 155 5.75 29.13 5.22
CA LYS A 155 6.14 30.46 5.73
C LYS A 155 5.17 30.84 6.84
N VAL A 156 5.70 31.35 7.95
CA VAL A 156 4.89 31.83 9.10
C VAL A 156 5.31 33.27 9.36
N ASP A 157 4.40 34.23 9.16
CA ASP A 157 4.72 35.68 9.19
C ASP A 157 5.92 35.94 8.27
N ASN A 158 5.94 35.25 7.12
CA ASN A 158 6.93 35.44 6.03
C ASN A 158 8.28 34.75 6.34
N ALA A 159 8.46 34.11 7.50
CA ALA A 159 9.70 33.40 7.87
C ALA A 159 9.64 31.96 7.33
N LEU A 160 10.65 31.55 6.56
CA LEU A 160 10.69 30.19 5.95
C LEU A 160 10.85 29.18 7.09
N GLN A 161 10.03 28.13 7.11
CA GLN A 161 10.06 27.08 8.17
C GLN A 161 11.00 25.95 7.76
N SER A 162 11.68 25.35 8.74
CA SER A 162 12.56 24.17 8.54
C SER A 162 12.43 23.25 9.75
N GLY A 163 12.31 21.94 9.53
CA GLY A 163 12.41 20.90 10.58
C GLY A 163 11.08 20.59 11.27
N ASN A 164 9.99 21.29 10.94
CA ASN A 164 8.69 21.13 11.65
C ASN A 164 7.59 20.67 10.69
N SER A 165 7.93 20.12 9.53
CA SER A 165 6.90 19.66 8.55
C SER A 165 7.21 18.22 8.11
N GLN A 166 6.16 17.50 7.71
CA GLN A 166 6.26 16.12 7.18
C GLN A 166 5.36 16.02 5.95
N GLU A 167 5.81 15.29 4.93
CA GLU A 167 5.08 15.12 3.65
C GLU A 167 4.69 13.66 3.49
N SER A 168 3.53 13.43 2.88
CA SER A 168 3.08 12.12 2.39
C SER A 168 2.62 12.28 0.95
N VAL A 169 2.98 11.33 0.09
CA VAL A 169 2.58 11.32 -1.33
C VAL A 169 1.79 10.04 -1.56
N THR A 170 0.68 10.15 -2.27
CA THR A 170 -0.13 8.99 -2.65
C THR A 170 0.63 8.16 -3.69
N GLU A 171 0.26 6.89 -3.81
CA GLU A 171 0.63 6.09 -5.02
C GLU A 171 -0.04 6.73 -6.24
N GLN A 172 0.59 6.55 -7.40
CA GLN A 172 0.10 7.12 -8.67
C GLN A 172 -1.30 6.55 -8.94
N ASP A 173 -2.20 7.44 -9.31
CA ASP A 173 -3.64 7.13 -9.50
C ASP A 173 -3.79 6.17 -10.69
N SER A 174 -4.57 5.09 -10.52
N SER A 174 -4.57 5.10 -10.51
CA SER A 174 -4.75 4.04 -11.55
CA SER A 174 -4.79 4.02 -11.51
C SER A 174 -5.67 4.50 -12.69
C SER A 174 -5.66 4.51 -12.68
N LYS A 175 -6.33 5.66 -12.56
CA LYS A 175 -7.23 6.22 -13.60
C LYS A 175 -6.60 7.44 -14.28
N ASP A 176 -6.13 8.45 -13.54
CA ASP A 176 -5.64 9.70 -14.18
C ASP A 176 -4.12 9.86 -14.08
N SER A 177 -3.40 8.90 -13.51
CA SER A 177 -1.92 8.80 -13.48
C SER A 177 -1.30 9.99 -12.74
N THR A 178 -2.04 10.63 -11.83
CA THR A 178 -1.54 11.75 -11.02
C THR A 178 -1.12 11.28 -9.63
N TYR A 179 -0.41 12.17 -8.94
CA TYR A 179 -0.02 12.06 -7.52
C TYR A 179 -0.78 13.12 -6.75
N SER A 180 -0.93 12.89 -5.45
CA SER A 180 -1.34 13.96 -4.51
C SER A 180 -0.38 13.94 -3.33
N LEU A 181 -0.27 15.07 -2.66
CA LEU A 181 0.75 15.24 -1.62
C LEU A 181 0.13 16.06 -0.49
N SER A 182 0.37 15.63 0.73
CA SER A 182 0.07 16.42 1.94
C SER A 182 1.38 16.88 2.56
N SER A 183 1.42 18.13 2.99
CA SER A 183 2.50 18.63 3.86
C SER A 183 1.84 19.12 5.14
N THR A 184 2.32 18.65 6.28
CA THR A 184 1.75 18.97 7.61
C THR A 184 2.83 19.68 8.43
N LEU A 185 2.56 20.93 8.78
CA LEU A 185 3.36 21.77 9.69
C LEU A 185 2.83 21.54 11.12
N THR A 186 3.69 21.10 12.04
CA THR A 186 3.31 20.76 13.44
C THR A 186 3.97 21.78 14.38
N LEU A 187 3.15 22.56 15.09
CA LEU A 187 3.62 23.56 16.09
C LEU A 187 2.96 23.28 17.43
N SER A 188 3.59 23.74 18.51
CA SER A 188 2.94 23.85 19.83
C SER A 188 1.81 24.87 19.69
N LYS A 189 0.74 24.73 20.47
CA LYS A 189 -0.34 25.75 20.53
C LYS A 189 0.28 27.14 20.75
N ALA A 190 1.25 27.24 21.67
CA ALA A 190 1.93 28.50 22.07
C ALA A 190 2.57 29.16 20.85
N ASP A 191 3.32 28.40 20.06
CA ASP A 191 4.00 28.92 18.85
C ASP A 191 2.93 29.33 17.84
N TYR A 192 1.89 28.52 17.66
CA TYR A 192 0.82 28.79 16.67
C TYR A 192 0.18 30.14 17.00
N GLU A 193 -0.09 30.39 18.28
CA GLU A 193 -0.81 31.62 18.71
C GLU A 193 0.14 32.82 18.78
N LYS A 194 1.44 32.62 18.54
CA LYS A 194 2.45 33.71 18.49
C LYS A 194 2.50 34.36 17.10
N HIS A 195 1.87 33.75 16.09
CA HIS A 195 2.03 34.18 14.66
C HIS A 195 0.65 34.32 14.01
N LYS A 196 0.57 35.12 12.94
CA LYS A 196 -0.71 35.49 12.29
C LYS A 196 -0.85 34.78 10.94
N VAL A 197 0.13 34.92 10.05
CA VAL A 197 0.02 34.52 8.62
C VAL A 197 0.66 33.14 8.45
N TYR A 198 -0.13 32.18 8.00
CA TYR A 198 0.30 30.79 7.69
C TYR A 198 0.18 30.60 6.18
N ALA A 199 1.30 30.30 5.54
CA ALA A 199 1.35 30.20 4.07
C ALA A 199 2.07 28.93 3.64
N CYS A 200 1.50 28.29 2.62
N CYS A 200 1.51 28.22 2.66
CA CYS A 200 2.09 27.17 1.87
CA CYS A 200 2.25 27.13 1.95
C CYS A 200 2.42 27.65 0.46
C CYS A 200 2.42 27.54 0.49
N GLU A 201 3.67 27.51 0.04
CA GLU A 201 4.13 27.92 -1.31
C GLU A 201 4.56 26.67 -2.08
N VAL A 202 3.92 26.44 -3.21
CA VAL A 202 4.16 25.20 -3.99
C VAL A 202 4.85 25.57 -5.30
N THR A 203 5.94 24.87 -5.58
CA THR A 203 6.67 24.95 -6.87
C THR A 203 6.50 23.62 -7.58
N HIS A 204 6.05 23.68 -8.83
CA HIS A 204 5.78 22.47 -9.65
C HIS A 204 5.83 22.86 -11.12
N GLN A 205 6.27 21.92 -11.95
CA GLN A 205 6.49 22.13 -13.40
C GLN A 205 5.21 22.62 -14.10
N GLY A 206 4.04 22.25 -13.60
CA GLY A 206 2.75 22.54 -14.25
C GLY A 206 2.24 23.93 -13.90
N LEU A 207 2.87 24.59 -12.94
CA LEU A 207 2.47 25.94 -12.46
C LEU A 207 3.24 27.00 -13.25
N SER A 208 2.54 28.06 -13.68
CA SER A 208 3.13 29.22 -14.39
C SER A 208 4.10 29.97 -13.46
N SER A 209 3.87 29.88 -12.15
CA SER A 209 4.64 30.57 -11.09
C SER A 209 4.34 29.84 -9.79
N PRO A 210 5.17 29.93 -8.74
CA PRO A 210 4.86 29.24 -7.48
C PRO A 210 3.53 29.77 -6.94
N VAL A 211 2.69 28.86 -6.43
CA VAL A 211 1.32 29.15 -5.91
C VAL A 211 1.39 29.16 -4.39
N THR A 212 0.87 30.23 -3.77
CA THR A 212 0.79 30.33 -2.31
C THR A 212 -0.69 30.31 -1.89
N LYS A 213 -1.01 29.47 -0.91
CA LYS A 213 -2.30 29.49 -0.19
C LYS A 213 -1.97 29.87 1.24
N SER A 214 -2.76 30.77 1.82
CA SER A 214 -2.47 31.29 3.18
C SER A 214 -3.78 31.57 3.89
N PHE A 215 -3.72 31.66 5.23
CA PHE A 215 -4.81 32.17 6.09
C PHE A 215 -4.16 33.01 7.19
N ASN A 216 -4.95 33.94 7.73
CA ASN A 216 -4.60 34.70 8.96
C ASN A 216 -5.23 33.97 10.15
N ARG A 217 -4.45 33.63 11.16
CA ARG A 217 -4.95 32.89 12.35
C ARG A 217 -6.15 33.65 12.93
N GLY A 218 -7.31 32.99 13.01
CA GLY A 218 -8.57 33.52 13.57
C GLY A 218 -9.28 34.47 12.63
N GLU A 219 -9.47 34.09 11.35
CA GLU A 219 -10.22 34.89 10.33
C GLU A 219 -10.88 33.93 9.34
N VAL B 5 -13.19 -19.64 -5.24
CA VAL B 5 -12.15 -19.80 -4.17
C VAL B 5 -11.98 -18.47 -3.40
N GLN B 6 -12.25 -18.44 -2.10
CA GLN B 6 -11.99 -17.27 -1.23
C GLN B 6 -11.17 -17.69 0.00
N LEU B 7 -10.13 -16.92 0.31
CA LEU B 7 -9.21 -17.17 1.46
C LEU B 7 -9.44 -16.05 2.48
N GLN B 8 -9.89 -16.40 3.66
CA GLN B 8 -10.17 -15.46 4.78
C GLN B 8 -9.09 -15.72 5.82
N GLN B 9 -8.38 -14.69 6.25
CA GLN B 9 -7.27 -14.87 7.19
C GLN B 9 -7.37 -13.87 8.33
N TRP B 10 -6.82 -14.26 9.47
CA TRP B 10 -6.82 -13.39 10.67
C TRP B 10 -5.64 -13.78 11.55
N GLY B 11 -5.33 -12.92 12.52
CA GLY B 11 -4.29 -13.14 13.53
C GLY B 11 -3.26 -12.05 13.44
N ALA B 12 -1.99 -12.41 13.62
CA ALA B 12 -0.84 -11.49 13.58
C ALA B 12 -1.16 -10.28 14.47
N GLY B 13 -1.04 -9.06 13.97
CA GLY B 13 -1.25 -7.86 14.77
C GLY B 13 0.04 -7.47 15.47
N LEU B 14 -0.09 -6.72 16.55
CA LEU B 14 1.07 -6.20 17.32
C LEU B 14 1.58 -7.28 18.27
N LEU B 15 2.88 -7.55 18.26
CA LEU B 15 3.47 -8.41 19.31
C LEU B 15 4.90 -7.98 19.61
N LYS B 16 5.40 -8.40 20.76
CA LYS B 16 6.71 -7.97 21.29
C LYS B 16 7.79 -8.91 20.78
N THR B 17 9.03 -8.42 20.72
CA THR B 17 10.23 -9.24 20.43
C THR B 17 10.18 -10.48 21.32
N SER B 18 10.41 -11.65 20.69
N SER B 18 10.45 -11.65 20.73
CA SER B 18 10.56 -12.99 21.31
CA SER B 18 10.57 -12.97 21.40
C SER B 18 9.21 -13.68 21.48
C SER B 18 9.22 -13.70 21.39
N GLU B 19 8.10 -13.02 21.15
CA GLU B 19 6.75 -13.62 21.23
C GLU B 19 6.49 -14.46 19.97
N THR B 20 5.38 -15.19 19.94
CA THR B 20 5.01 -16.06 18.81
C THR B 20 3.87 -15.44 17.99
N LEU B 21 4.13 -15.22 16.72
CA LEU B 21 3.14 -14.79 15.71
C LEU B 21 2.24 -15.99 15.40
N SER B 22 0.94 -15.77 15.34
CA SER B 22 -0.04 -16.81 14.97
C SER B 22 -1.04 -16.26 13.95
N LEU B 23 -1.23 -16.97 12.84
CA LEU B 23 -2.22 -16.62 11.79
C LEU B 23 -3.01 -17.87 11.46
N THR B 24 -4.26 -17.68 11.07
CA THR B 24 -5.15 -18.74 10.55
C THR B 24 -5.78 -18.27 9.24
N CYS B 25 -5.96 -19.19 8.31
CA CYS B 25 -6.63 -18.95 7.03
C CYS B 25 -7.74 -20.01 6.90
N ALA B 26 -8.90 -19.57 6.44
CA ALA B 26 -10.08 -20.43 6.17
C ALA B 26 -10.36 -20.39 4.67
N VAL B 27 -10.56 -21.55 4.08
CA VAL B 27 -10.73 -21.69 2.62
C VAL B 27 -12.21 -21.96 2.33
N TYR B 28 -12.79 -21.15 1.44
CA TYR B 28 -14.16 -21.30 0.91
C TYR B 28 -14.09 -21.63 -0.58
N GLY B 29 -14.82 -22.68 -0.99
CA GLY B 29 -14.96 -23.13 -2.39
C GLY B 29 -14.90 -24.64 -2.55
N GLY B 30 -14.53 -25.39 -1.49
CA GLY B 30 -14.27 -26.84 -1.55
C GLY B 30 -12.92 -27.16 -2.19
N SER B 31 -12.59 -28.45 -2.30
CA SER B 31 -11.30 -28.98 -2.81
C SER B 31 -10.14 -28.51 -1.92
N PHE B 32 -10.37 -28.39 -0.62
CA PHE B 32 -9.30 -28.14 0.37
C PHE B 32 -8.22 -29.23 0.30
N ASN B 33 -8.59 -30.52 0.22
CA ASN B 33 -7.60 -31.59 0.46
C ASN B 33 -6.61 -31.71 -0.72
N ASN B 34 -6.90 -31.09 -1.86
CA ASN B 34 -6.12 -31.31 -3.12
C ASN B 34 -4.85 -30.44 -3.16
N TYR B 35 -4.63 -29.52 -2.22
CA TYR B 35 -3.63 -28.43 -2.41
C TYR B 35 -2.63 -28.33 -1.26
N ASN B 36 -1.44 -27.85 -1.60
CA ASN B 36 -0.45 -27.31 -0.63
C ASN B 36 -0.89 -25.93 -0.19
N TRP B 37 -1.24 -25.78 1.07
CA TRP B 37 -1.64 -24.48 1.64
C TRP B 37 -0.41 -23.74 2.13
N THR B 38 -0.29 -22.48 1.74
CA THR B 38 0.99 -21.77 1.67
C THR B 38 0.92 -20.44 2.41
N TRP B 39 2.02 -20.05 3.03
CA TRP B 39 2.19 -18.70 3.59
C TRP B 39 3.34 -18.00 2.88
N ILE B 40 3.11 -16.75 2.53
CA ILE B 40 4.11 -15.85 1.90
C ILE B 40 4.06 -14.52 2.64
N ARG B 41 5.18 -13.86 2.86
CA ARG B 41 5.16 -12.58 3.59
C ARG B 41 5.90 -11.48 2.84
N GLN B 42 5.62 -10.25 3.22
CA GLN B 42 6.13 -9.05 2.52
C GLN B 42 6.37 -7.97 3.55
N PRO B 43 7.64 -7.72 3.93
CA PRO B 43 7.95 -6.59 4.81
C PRO B 43 7.47 -5.30 4.14
N PRO B 44 7.03 -4.28 4.90
CA PRO B 44 6.59 -3.02 4.31
C PRO B 44 7.66 -2.47 3.35
N GLY B 45 7.23 -2.15 2.13
CA GLY B 45 8.03 -1.54 1.05
C GLY B 45 9.07 -2.48 0.46
N LYS B 46 8.98 -3.78 0.76
CA LYS B 46 9.98 -4.80 0.34
C LYS B 46 9.25 -5.87 -0.49
N GLY B 47 10.00 -6.90 -0.86
CA GLY B 47 9.56 -7.95 -1.77
C GLY B 47 8.90 -9.08 -1.01
N LEU B 48 8.84 -10.24 -1.63
CA LEU B 48 8.04 -11.38 -1.15
C LEU B 48 8.96 -12.54 -0.77
N GLU B 49 8.65 -13.18 0.35
CA GLU B 49 9.40 -14.34 0.85
C GLU B 49 8.40 -15.47 1.07
N TRP B 50 8.62 -16.58 0.37
CA TRP B 50 7.83 -17.81 0.60
C TRP B 50 8.25 -18.42 1.95
N ILE B 51 7.28 -18.69 2.84
CA ILE B 51 7.53 -19.24 4.19
C ILE B 51 7.48 -20.75 4.14
N GLY B 52 6.45 -21.31 3.51
CA GLY B 52 6.33 -22.76 3.47
C GLY B 52 4.93 -23.19 3.14
N GLN B 53 4.69 -24.47 3.27
CA GLN B 53 3.44 -25.13 2.84
C GLN B 53 3.13 -26.30 3.76
N ILE B 54 1.86 -26.63 3.81
CA ILE B 54 1.35 -27.86 4.47
C ILE B 54 0.23 -28.43 3.61
N ASN B 55 0.12 -29.75 3.56
CA ASN B 55 -1.02 -30.38 2.86
C ASN B 55 -1.88 -31.12 3.89
N HIS B 56 -2.95 -31.76 3.44
CA HIS B 56 -3.99 -32.29 4.36
C HIS B 56 -3.44 -33.52 5.11
N SER B 57 -2.34 -34.12 4.65
N SER B 57 -2.35 -34.14 4.63
CA SER B 57 -1.62 -35.25 5.30
CA SER B 57 -1.64 -35.26 5.32
C SER B 57 -0.71 -34.70 6.42
C SER B 57 -0.64 -34.70 6.35
N GLY B 58 -0.63 -33.37 6.54
CA GLY B 58 0.22 -32.67 7.52
C GLY B 58 1.66 -32.64 7.06
N THR B 59 1.93 -32.95 5.81
CA THR B 59 3.29 -32.90 5.23
C THR B 59 3.67 -31.45 4.97
N THR B 60 4.83 -31.03 5.47
CA THR B 60 5.28 -29.63 5.38
C THR B 60 6.51 -29.52 4.50
N ASN B 61 6.80 -28.29 4.13
CA ASN B 61 8.12 -27.89 3.60
C ASN B 61 8.25 -26.42 4.00
N TYR B 62 9.20 -26.11 4.87
CA TYR B 62 9.47 -24.70 5.27
C TYR B 62 10.77 -24.22 4.63
N ASN B 63 10.76 -22.94 4.27
CA ASN B 63 11.94 -22.21 3.80
C ASN B 63 13.01 -22.31 4.87
N PRO B 64 14.22 -22.83 4.57
CA PRO B 64 15.33 -22.80 5.52
C PRO B 64 15.63 -21.42 6.12
N SER B 65 15.27 -20.32 5.45
CA SER B 65 15.44 -18.94 5.99
C SER B 65 14.77 -18.82 7.36
N LEU B 66 13.65 -19.52 7.57
CA LEU B 66 12.71 -19.38 8.71
C LEU B 66 12.44 -20.72 9.40
N LYS B 67 12.89 -21.82 8.83
CA LYS B 67 12.38 -23.17 9.14
C LYS B 67 12.44 -23.45 10.64
N SER B 68 13.52 -23.08 11.34
CA SER B 68 13.72 -23.40 12.78
C SER B 68 12.67 -22.69 13.64
N ARG B 69 12.07 -21.63 13.11
CA ARG B 69 11.13 -20.80 13.91
C ARG B 69 9.67 -21.04 13.51
N VAL B 70 9.39 -21.84 12.49
CA VAL B 70 8.02 -21.94 11.91
C VAL B 70 7.38 -23.24 12.37
N THR B 71 6.08 -23.20 12.64
CA THR B 71 5.21 -24.41 12.64
C THR B 71 3.95 -24.06 11.86
N MET B 72 3.63 -24.85 10.85
N MET B 72 3.61 -24.88 10.87
CA MET B 72 2.27 -24.79 10.25
CA MET B 72 2.31 -24.81 10.17
C MET B 72 1.47 -25.97 10.76
C MET B 72 1.46 -26.01 10.61
N SER B 73 0.15 -25.79 10.73
CA SER B 73 -0.81 -26.83 11.16
C SER B 73 -2.02 -26.74 10.24
N ILE B 74 -2.78 -27.81 10.17
CA ILE B 74 -3.93 -27.89 9.22
C ILE B 74 -5.09 -28.61 9.91
N ASP B 75 -6.29 -28.10 9.68
CA ASP B 75 -7.54 -28.75 10.16
C ASP B 75 -8.42 -28.97 8.95
N PRO B 76 -8.25 -30.10 8.22
CA PRO B 76 -9.12 -30.39 7.07
C PRO B 76 -10.62 -30.39 7.41
N SER B 77 -11.01 -30.82 8.63
N SER B 77 -11.01 -30.74 8.64
CA SER B 77 -12.42 -30.77 9.11
CA SER B 77 -12.43 -30.81 9.09
C SER B 77 -13.01 -29.39 8.80
C SER B 77 -13.05 -29.41 9.20
N GLU B 78 -12.25 -28.34 9.11
CA GLU B 78 -12.72 -26.92 9.10
C GLU B 78 -12.15 -26.16 7.90
N ASN B 79 -11.46 -26.83 6.97
CA ASN B 79 -10.83 -26.18 5.77
C ASN B 79 -9.99 -25.00 6.26
N GLN B 80 -9.24 -25.18 7.33
CA GLN B 80 -8.38 -24.11 7.91
C GLN B 80 -6.95 -24.61 7.99
N PHE B 81 -6.01 -23.68 7.89
CA PHE B 81 -4.58 -23.98 8.19
C PHE B 81 -3.99 -22.73 8.84
N SER B 82 -2.89 -22.92 9.55
CA SER B 82 -2.33 -21.90 10.47
C SER B 82 -0.83 -21.82 10.31
N LEU B 83 -0.29 -20.69 10.75
CA LEU B 83 1.15 -20.43 10.82
C LEU B 83 1.47 -19.99 12.25
N LYS B 84 2.59 -20.47 12.77
CA LYS B 84 3.27 -19.89 13.95
C LYS B 84 4.68 -19.51 13.54
N VAL B 85 5.13 -18.33 13.96
CA VAL B 85 6.54 -17.92 13.83
C VAL B 85 7.03 -17.55 15.22
N ARG B 86 7.98 -18.33 15.76
CA ARG B 86 8.50 -18.14 17.13
C ARG B 86 9.59 -17.07 17.15
N SER B 87 9.88 -16.54 18.34
CA SER B 87 11.07 -15.70 18.65
C SER B 87 11.15 -14.55 17.64
N VAL B 88 10.06 -13.80 17.47
CA VAL B 88 9.99 -12.74 16.41
C VAL B 88 10.92 -11.58 16.74
N THR B 89 11.43 -10.94 15.71
CA THR B 89 12.19 -9.65 15.77
C THR B 89 11.57 -8.71 14.75
N ALA B 90 12.09 -7.48 14.66
CA ALA B 90 11.65 -6.48 13.69
C ALA B 90 11.71 -7.04 12.27
N ALA B 91 12.58 -8.01 12.01
CA ALA B 91 12.71 -8.67 10.69
C ALA B 91 11.43 -9.41 10.31
N ASP B 92 10.54 -9.69 11.28
CA ASP B 92 9.29 -10.45 11.05
C ASP B 92 8.10 -9.51 10.84
N THR B 93 8.32 -8.21 11.00
CA THR B 93 7.26 -7.22 10.67
C THR B 93 6.99 -7.33 9.17
N ALA B 94 5.77 -7.67 8.82
CA ALA B 94 5.43 -7.94 7.40
C ALA B 94 3.94 -8.15 7.25
N ILE B 95 3.48 -8.03 6.02
CA ILE B 95 2.14 -8.53 5.59
CA ILE B 95 2.13 -8.53 5.65
C ILE B 95 2.28 -10.03 5.35
N TYR B 96 1.47 -10.84 6.00
CA TYR B 96 1.45 -12.32 5.81
C TYR B 96 0.22 -12.68 4.99
N TYR B 97 0.45 -13.39 3.89
CA TYR B 97 -0.60 -13.82 2.94
C TYR B 97 -0.76 -15.32 3.05
N CYS B 98 -2.00 -15.81 3.20
N CYS B 98 -2.02 -15.75 3.18
CA CYS B 98 -2.28 -17.24 2.90
CA CYS B 98 -2.50 -17.11 2.88
C CYS B 98 -2.57 -17.34 1.41
C CYS B 98 -2.51 -17.27 1.34
N VAL B 99 -2.12 -18.43 0.81
CA VAL B 99 -2.03 -18.62 -0.64
C VAL B 99 -2.35 -20.08 -0.92
N ARG B 100 -3.00 -20.34 -2.03
CA ARG B 100 -3.21 -21.74 -2.49
C ARG B 100 -2.00 -22.17 -3.33
N GLY B 101 -1.34 -23.24 -2.91
CA GLY B 101 -0.19 -23.77 -3.65
C GLY B 101 -0.60 -24.92 -4.53
N SER B 102 0.36 -25.78 -4.86
CA SER B 102 0.26 -26.76 -5.96
C SER B 102 -0.68 -27.92 -5.59
N PRO B 103 -1.41 -28.41 -6.60
CA PRO B 103 -2.27 -29.58 -6.46
C PRO B 103 -1.46 -30.90 -6.44
N GLU B 104 -2.00 -31.89 -5.73
CA GLU B 104 -1.46 -33.27 -5.63
C GLU B 104 -1.28 -33.86 -7.03
N SER B 105 -2.25 -33.58 -7.91
CA SER B 105 -2.35 -34.16 -9.27
C SER B 105 -1.07 -33.89 -10.06
N SER B 106 -0.41 -32.75 -9.88
CA SER B 106 0.66 -32.34 -10.83
C SER B 106 1.82 -31.61 -10.18
N GLY B 107 1.75 -31.28 -8.90
CA GLY B 107 2.86 -30.58 -8.25
C GLY B 107 3.25 -29.33 -9.03
N ASN B 108 4.56 -29.12 -9.24
CA ASN B 108 5.13 -27.82 -9.72
C ASN B 108 4.71 -27.55 -11.18
N TYR B 109 4.31 -28.56 -11.94
CA TYR B 109 3.69 -28.35 -13.27
C TYR B 109 2.57 -27.32 -13.18
N TRP B 110 1.82 -27.31 -12.07
CA TRP B 110 0.70 -26.37 -11.82
C TRP B 110 1.00 -25.60 -10.54
N GLY B 111 2.21 -25.05 -10.42
CA GLY B 111 2.74 -24.55 -9.13
C GLY B 111 2.61 -23.04 -8.97
N HIS B 112 2.04 -22.32 -9.95
CA HIS B 112 1.84 -20.85 -9.87
C HIS B 112 0.84 -20.51 -8.75
N PHE B 113 0.99 -19.35 -8.10
CA PHE B 113 0.09 -18.89 -7.01
C PHE B 113 -0.99 -17.99 -7.60
N GLN B 114 -2.13 -18.59 -7.90
CA GLN B 114 -3.29 -17.88 -8.46
C GLN B 114 -4.08 -17.21 -7.33
N TYR B 115 -4.36 -17.93 -6.24
CA TYR B 115 -5.29 -17.48 -5.17
C TYR B 115 -4.54 -17.04 -3.92
N TRP B 116 -4.72 -15.78 -3.55
CA TRP B 116 -4.08 -15.12 -2.39
C TRP B 116 -5.16 -14.53 -1.49
N GLY B 117 -4.99 -14.62 -0.18
CA GLY B 117 -5.76 -13.86 0.82
C GLY B 117 -5.38 -12.39 0.78
N GLN B 118 -6.12 -11.54 1.51
CA GLN B 118 -5.89 -10.08 1.46
C GLN B 118 -4.65 -9.70 2.28
N GLY B 119 -4.16 -10.60 3.14
CA GLY B 119 -2.97 -10.33 3.95
C GLY B 119 -3.33 -9.75 5.31
N THR B 120 -2.47 -10.00 6.27
CA THR B 120 -2.60 -9.50 7.65
C THR B 120 -1.23 -8.98 8.07
N LEU B 121 -1.20 -7.79 8.66
CA LEU B 121 0.06 -7.17 9.11
C LEU B 121 0.42 -7.67 10.50
N ALA B 122 1.66 -8.14 10.65
CA ALA B 122 2.33 -8.36 11.95
C ALA B 122 3.28 -7.18 12.17
N THR B 123 3.15 -6.53 13.32
CA THR B 123 4.06 -5.46 13.77
C THR B 123 4.78 -5.93 15.04
N VAL B 124 6.10 -6.00 14.97
CA VAL B 124 6.95 -6.43 16.10
C VAL B 124 7.50 -5.17 16.76
N SER B 125 6.99 -4.88 17.94
CA SER B 125 7.36 -3.65 18.66
C SER B 125 7.05 -3.82 20.13
N SER B 126 7.73 -3.06 20.99
CA SER B 126 7.41 -3.00 22.43
C SER B 126 6.41 -1.87 22.70
N ALA B 127 6.07 -1.06 21.69
CA ALA B 127 5.18 0.11 21.85
C ALA B 127 3.75 -0.34 22.17
N SER B 128 3.03 0.53 22.89
CA SER B 128 1.60 0.37 23.24
C SER B 128 0.71 0.52 22.01
N THR B 129 -0.39 -0.20 21.98
CA THR B 129 -1.55 0.14 21.13
C THR B 129 -2.03 1.53 21.52
N LYS B 130 -2.31 2.39 20.55
CA LYS B 130 -2.88 3.74 20.79
C LYS B 130 -3.86 4.11 19.67
N GLY B 131 -5.08 4.50 20.03
CA GLY B 131 -6.11 4.91 19.07
C GLY B 131 -5.81 6.31 18.57
N PRO B 132 -6.22 6.65 17.34
CA PRO B 132 -6.03 8.01 16.82
C PRO B 132 -6.97 9.04 17.42
N SER B 133 -6.53 10.31 17.40
CA SER B 133 -7.39 11.50 17.50
C SER B 133 -7.83 11.86 16.07
N VAL B 134 -9.09 12.21 15.86
CA VAL B 134 -9.64 12.52 14.51
C VAL B 134 -10.13 13.95 14.55
N PHE B 135 -9.53 14.78 13.71
CA PHE B 135 -9.79 16.23 13.67
C PHE B 135 -10.27 16.61 12.28
N PRO B 136 -11.34 17.43 12.18
CA PRO B 136 -11.81 17.92 10.88
C PRO B 136 -10.78 18.83 10.18
N LEU B 137 -10.72 18.72 8.86
CA LEU B 137 -10.07 19.69 7.94
C LEU B 137 -11.20 20.40 7.18
N ALA B 138 -11.64 21.55 7.69
CA ALA B 138 -12.92 22.18 7.28
C ALA B 138 -12.73 22.83 5.91
N PRO B 139 -13.73 22.74 5.00
CA PRO B 139 -13.60 23.44 3.72
C PRO B 139 -13.50 24.95 4.00
N SER B 140 -12.51 25.61 3.38
CA SER B 140 -12.28 27.07 3.44
C SER B 140 -13.59 27.82 3.11
N SER B 141 -13.80 29.01 3.69
CA SER B 141 -14.93 29.92 3.35
C SER B 141 -14.71 30.51 1.95
N LYS B 142 -13.50 30.38 1.39
CA LYS B 142 -13.16 30.76 -0.01
C LYS B 142 -12.74 29.51 -0.79
N SER B 143 -13.61 29.02 -1.69
CA SER B 143 -13.36 27.86 -2.59
C SER B 143 -12.48 28.28 -3.78
N THR B 144 -12.05 27.31 -4.60
CA THR B 144 -11.22 27.59 -5.81
C THR B 144 -12.01 28.52 -6.74
N SER B 145 -11.28 29.27 -7.56
CA SER B 145 -11.80 30.12 -8.65
C SER B 145 -12.89 29.39 -9.44
N GLY B 146 -12.73 28.08 -9.67
CA GLY B 146 -13.61 27.25 -10.51
C GLY B 146 -14.69 26.49 -9.76
N GLY B 147 -14.88 26.71 -8.45
CA GLY B 147 -16.01 26.18 -7.67
C GLY B 147 -15.77 24.79 -7.09
N THR B 148 -14.53 24.44 -6.79
CA THR B 148 -14.16 23.18 -6.08
C THR B 148 -13.77 23.52 -4.64
N ALA B 149 -14.21 22.70 -3.67
CA ALA B 149 -13.79 22.80 -2.27
C ALA B 149 -13.05 21.51 -1.88
N ALA B 150 -12.09 21.61 -0.98
CA ALA B 150 -11.43 20.42 -0.36
C ALA B 150 -11.77 20.41 1.13
N LEU B 151 -11.97 19.22 1.66
CA LEU B 151 -12.16 19.01 3.09
C LEU B 151 -11.56 17.65 3.43
N GLY B 152 -11.44 17.36 4.72
CA GLY B 152 -10.83 16.07 5.10
C GLY B 152 -10.90 15.82 6.57
N CYS B 153 -10.16 14.79 6.99
CA CYS B 153 -9.98 14.43 8.42
C CYS B 153 -8.50 14.12 8.66
N LEU B 154 -7.96 14.69 9.73
CA LEU B 154 -6.61 14.38 10.24
C LEU B 154 -6.76 13.25 11.25
N VAL B 155 -6.07 12.14 11.01
CA VAL B 155 -6.10 10.94 11.85
C VAL B 155 -4.72 10.82 12.50
N LYS B 156 -4.62 11.29 13.73
CA LYS B 156 -3.30 11.65 14.32
C LYS B 156 -2.94 10.75 15.51
N ASP B 157 -1.70 10.28 15.51
CA ASP B 157 -0.97 9.66 16.64
C ASP B 157 -1.59 8.31 17.01
N TYR B 158 -1.52 7.34 16.09
CA TYR B 158 -2.03 5.99 16.37
C TYR B 158 -0.90 4.97 16.20
N PHE B 159 -1.13 3.78 16.74
CA PHE B 159 -0.19 2.65 16.63
C PHE B 159 -0.94 1.38 16.99
N PRO B 160 -0.74 0.24 16.30
CA PRO B 160 0.04 0.13 15.06
C PRO B 160 -0.80 0.49 13.83
N GLU B 161 -0.25 0.32 12.64
CA GLU B 161 -1.06 0.26 11.40
C GLU B 161 -1.93 -0.99 11.49
N PRO B 162 -3.01 -1.12 10.70
CA PRO B 162 -3.53 -0.06 9.83
C PRO B 162 -4.77 0.69 10.35
N VAL B 163 -5.13 1.75 9.64
N VAL B 163 -5.12 1.80 9.68
CA VAL B 163 -6.43 2.46 9.81
CA VAL B 163 -6.44 2.48 9.85
C VAL B 163 -7.12 2.38 8.46
C VAL B 163 -7.11 2.51 8.48
N THR B 164 -8.45 2.49 8.47
CA THR B 164 -9.28 2.67 7.27
C THR B 164 -10.06 3.96 7.47
N VAL B 165 -10.27 4.64 6.35
CA VAL B 165 -11.11 5.85 6.28
C VAL B 165 -12.06 5.64 5.09
N SER B 166 -13.33 5.87 5.34
CA SER B 166 -14.35 6.04 4.28
C SER B 166 -15.01 7.39 4.47
N TRP B 167 -15.81 7.78 3.49
CA TRP B 167 -16.60 9.02 3.49
C TRP B 167 -18.07 8.66 3.24
N ASN B 168 -18.96 9.15 4.10
CA ASN B 168 -20.41 8.91 3.96
C ASN B 168 -20.66 7.41 3.83
N SER B 169 -20.01 6.62 4.70
CA SER B 169 -20.11 5.15 4.78
C SER B 169 -19.87 4.49 3.42
N GLY B 170 -18.99 5.08 2.60
CA GLY B 170 -18.61 4.50 1.30
C GLY B 170 -19.44 5.02 0.14
N ALA B 171 -20.41 5.91 0.41
CA ALA B 171 -21.24 6.58 -0.63
C ALA B 171 -20.38 7.57 -1.42
N LEU B 172 -19.35 8.15 -0.78
CA LEU B 172 -18.43 9.13 -1.43
C LEU B 172 -17.06 8.48 -1.62
N THR B 173 -16.65 8.21 -2.87
CA THR B 173 -15.33 7.65 -3.23
C THR B 173 -14.58 8.53 -4.23
N SER B 174 -15.28 9.27 -5.10
CA SER B 174 -14.61 10.09 -6.15
C SER B 174 -13.90 11.27 -5.50
N GLY B 175 -12.65 11.50 -5.91
CA GLY B 175 -11.82 12.62 -5.42
C GLY B 175 -11.29 12.39 -4.01
N VAL B 176 -11.48 11.20 -3.43
CA VAL B 176 -10.91 10.87 -2.10
C VAL B 176 -9.42 10.54 -2.25
N HIS B 177 -8.59 11.10 -1.39
CA HIS B 177 -7.18 10.69 -1.22
C HIS B 177 -6.93 10.43 0.27
N THR B 178 -6.80 9.16 0.65
CA THR B 178 -6.35 8.78 2.02
C THR B 178 -4.83 8.59 1.93
N PHE B 179 -4.08 9.51 2.51
CA PHE B 179 -2.59 9.50 2.40
C PHE B 179 -2.00 8.32 3.14
N PRO B 180 -0.91 7.74 2.60
CA PRO B 180 -0.05 6.84 3.36
C PRO B 180 0.40 7.52 4.67
N ALA B 181 0.33 6.76 5.76
CA ALA B 181 0.66 7.28 7.10
C ALA B 181 2.15 7.65 7.12
N VAL B 182 2.48 8.71 7.83
CA VAL B 182 3.88 9.09 8.18
C VAL B 182 4.15 8.53 9.58
N LEU B 183 5.22 7.77 9.71
CA LEU B 183 5.77 7.35 11.01
C LEU B 183 6.50 8.55 11.59
N GLN B 184 5.94 9.16 12.63
N GLN B 184 5.93 9.14 12.63
CA GLN B 184 6.51 10.37 13.29
CA GLN B 184 6.50 10.31 13.36
C GLN B 184 7.71 9.92 14.15
C GLN B 184 7.80 9.89 14.04
N SER B 185 8.59 10.85 14.50
CA SER B 185 9.80 10.56 15.32
C SER B 185 9.41 9.83 16.61
N SER B 186 8.26 10.16 17.19
CA SER B 186 7.68 9.54 18.42
C SER B 186 7.42 8.04 18.24
N GLY B 187 7.38 7.55 16.99
CA GLY B 187 6.99 6.16 16.69
C GLY B 187 5.50 5.98 16.52
N LEU B 188 4.71 7.06 16.55
CA LEU B 188 3.26 7.03 16.25
C LEU B 188 3.03 7.41 14.79
N TYR B 189 1.95 6.90 14.21
CA TYR B 189 1.56 7.19 12.80
C TYR B 189 0.55 8.33 12.78
N SER B 190 0.55 9.07 11.68
CA SER B 190 -0.47 10.11 11.41
CA SER B 190 -0.48 10.11 11.40
C SER B 190 -0.75 10.13 9.89
N LEU B 191 -2.00 10.38 9.52
CA LEU B 191 -2.38 10.60 8.11
C LEU B 191 -3.53 11.58 8.04
N SER B 192 -3.71 12.16 6.86
CA SER B 192 -4.95 12.88 6.48
C SER B 192 -5.68 12.08 5.41
N SER B 193 -7.01 12.18 5.42
CA SER B 193 -7.87 11.75 4.30
C SER B 193 -8.61 12.98 3.83
N VAL B 194 -8.51 13.30 2.55
CA VAL B 194 -9.12 14.51 1.97
C VAL B 194 -10.07 14.11 0.85
N VAL B 195 -10.97 15.00 0.48
CA VAL B 195 -11.83 14.84 -0.73
C VAL B 195 -12.07 16.22 -1.33
N THR B 196 -12.15 16.30 -2.65
CA THR B 196 -12.59 17.53 -3.35
C THR B 196 -14.05 17.30 -3.77
N VAL B 197 -14.86 18.33 -3.61
CA VAL B 197 -16.32 18.28 -3.86
C VAL B 197 -16.72 19.61 -4.48
N PRO B 198 -17.88 19.67 -5.19
CA PRO B 198 -18.40 20.95 -5.65
C PRO B 198 -18.67 21.86 -4.44
N SER B 199 -18.17 23.10 -4.53
CA SER B 199 -18.58 24.29 -3.72
C SER B 199 -20.10 24.33 -3.57
N SER B 200 -20.84 24.01 -4.65
CA SER B 200 -22.32 24.05 -4.73
C SER B 200 -22.95 22.95 -3.87
N SER B 201 -22.18 21.94 -3.45
CA SER B 201 -22.67 20.81 -2.62
C SER B 201 -22.59 21.16 -1.14
N LEU B 202 -21.87 22.20 -0.75
CA LEU B 202 -21.45 22.39 0.67
C LEU B 202 -22.69 22.68 1.52
N GLY B 203 -23.62 23.49 1.02
CA GLY B 203 -24.83 23.89 1.75
C GLY B 203 -25.73 22.72 2.08
N THR B 204 -25.84 21.72 1.19
CA THR B 204 -26.92 20.69 1.20
C THR B 204 -26.39 19.26 1.39
N GLN B 205 -25.09 19.00 1.18
CA GLN B 205 -24.51 17.63 1.33
C GLN B 205 -23.71 17.56 2.65
N THR B 206 -24.07 16.61 3.51
CA THR B 206 -23.30 16.26 4.74
C THR B 206 -22.09 15.41 4.34
N TYR B 207 -20.93 15.76 4.88
CA TYR B 207 -19.65 15.03 4.70
C TYR B 207 -19.18 14.49 6.05
N ILE B 208 -19.10 13.16 6.16
CA ILE B 208 -18.64 12.46 7.40
C ILE B 208 -17.50 11.52 7.01
N CYS B 209 -16.37 11.62 7.71
CA CYS B 209 -15.27 10.64 7.59
C CYS B 209 -15.47 9.56 8.66
N ASN B 210 -15.47 8.32 8.21
CA ASN B 210 -15.61 7.11 9.05
C ASN B 210 -14.20 6.57 9.24
N VAL B 211 -13.67 6.65 10.45
CA VAL B 211 -12.29 6.16 10.79
C VAL B 211 -12.42 4.90 11.63
N ASN B 212 -11.74 3.84 11.22
CA ASN B 212 -11.66 2.59 12.00
C ASN B 212 -10.20 2.25 12.23
N HIS B 213 -9.78 2.21 13.50
CA HIS B 213 -8.49 1.64 13.91
C HIS B 213 -8.80 0.36 14.68
N LYS B 214 -8.91 -0.75 13.98
CA LYS B 214 -9.29 -2.03 14.60
C LYS B 214 -8.31 -2.41 15.71
N PRO B 215 -6.96 -2.23 15.58
CA PRO B 215 -6.04 -2.59 16.66
C PRO B 215 -6.39 -2.01 18.03
N SER B 216 -7.01 -0.84 18.10
CA SER B 216 -7.38 -0.20 19.38
C SER B 216 -8.90 -0.23 19.60
N ASN B 217 -9.66 -0.85 18.69
CA ASN B 217 -11.14 -0.86 18.76
C ASN B 217 -11.68 0.57 18.64
N THR B 218 -10.96 1.45 17.96
CA THR B 218 -11.40 2.85 17.78
C THR B 218 -12.23 2.95 16.51
N LYS B 219 -13.47 3.40 16.63
CA LYS B 219 -14.35 3.62 15.47
C LYS B 219 -14.99 5.00 15.69
N VAL B 220 -14.64 5.96 14.84
CA VAL B 220 -15.03 7.40 14.98
C VAL B 220 -15.70 7.81 13.67
N ASP B 221 -16.89 8.40 13.74
CA ASP B 221 -17.55 9.11 12.60
C ASP B 221 -17.45 10.60 12.91
N LYS B 222 -16.81 11.40 12.04
CA LYS B 222 -16.56 12.84 12.30
C LYS B 222 -17.20 13.66 11.17
N LYS B 223 -18.18 14.49 11.53
CA LYS B 223 -18.84 15.43 10.59
C LYS B 223 -17.87 16.58 10.31
N VAL B 224 -17.67 16.91 9.03
CA VAL B 224 -16.74 17.99 8.58
C VAL B 224 -17.59 19.06 7.91
N GLU B 225 -17.65 20.24 8.54
CA GLU B 225 -18.52 21.36 8.08
C GLU B 225 -17.68 22.64 7.97
N PRO B 226 -18.10 23.60 7.12
CA PRO B 226 -17.38 24.87 6.94
C PRO B 226 -17.04 25.63 8.23
#